data_5HA4
#
_entry.id   5HA4
#
_cell.length_a   70.380
_cell.length_b   96.180
_cell.length_c   106.240
_cell.angle_alpha   90.000
_cell.angle_beta   90.000
_cell.angle_gamma   90.000
#
_symmetry.space_group_name_H-M   'P 21 21 21'
#
loop_
_entity.id
_entity.type
_entity.pdbx_description
1 polymer 'Diaminopimelate epimerase'
2 non-polymer (4R)-2-METHYLPENTANE-2,4-DIOL
3 non-polymer 'CHLORIDE ION'
4 water water
#
_entity_poly.entity_id   1
_entity_poly.type   'polypeptide(L)'
_entity_poly.pdbx_seq_one_letter_code
;HHMLLEFTKMHGLGNDFMVVDLISQRAYLDTATIQRLADRHFGVGFDQLLIVEPPDVPEADFKYRIFNADGSEVEQCGNG
VRCFARFVHERHLTNKTNITVQTKAGIVKPELGQNGWVRVNMGYPKFLPNEIPFVAEEPEALYTLELANDQNISIDVVNM
GNPHAVTIVPDVLTADVAGIGPQVESHKRFPERVNAGFMQVIDDKHVRLRVFERGVGETLACGTGACAAAVSGMRRGLLA
NSVEVELAGGKLQIEWQEGDVVWMTGPTTHVYDGRLDLRYFQ
;
_entity_poly.pdbx_strand_id   A,B
#
loop_
_chem_comp.id
_chem_comp.type
_chem_comp.name
_chem_comp.formula
CL non-polymer 'CHLORIDE ION' 'Cl -1'
MRD non-polymer (4R)-2-METHYLPENTANE-2,4-DIOL 'C6 H14 O2'
#
# COMPACT_ATOMS: atom_id res chain seq x y z
N MET A 3 4.19 -6.62 -26.38
CA MET A 3 2.83 -6.33 -25.96
C MET A 3 2.78 -6.09 -24.44
N LEU A 4 3.56 -6.86 -23.69
CA LEU A 4 3.58 -6.74 -22.24
C LEU A 4 4.81 -5.96 -21.80
N LEU A 5 4.62 -5.05 -20.85
CA LEU A 5 5.72 -4.30 -20.27
C LEU A 5 6.30 -5.09 -19.10
N GLU A 6 7.60 -5.40 -19.18
CA GLU A 6 8.31 -6.02 -18.07
C GLU A 6 8.80 -4.94 -17.09
N PHE A 7 8.76 -5.27 -15.81
CA PHE A 7 9.24 -4.34 -14.80
C PHE A 7 9.74 -5.14 -13.61
N THR A 8 10.45 -4.46 -12.73
CA THR A 8 10.92 -5.07 -11.48
C THR A 8 10.45 -4.21 -10.32
N LYS A 9 9.94 -4.87 -9.28
CA LYS A 9 9.61 -4.20 -8.04
C LYS A 9 10.81 -4.31 -7.12
N MET A 10 11.25 -3.18 -6.58
CA MET A 10 12.40 -3.10 -5.70
C MET A 10 12.07 -2.19 -4.53
N HIS A 11 12.88 -2.24 -3.48
CA HIS A 11 12.79 -1.21 -2.45
C HIS A 11 14.18 -0.96 -1.86
N GLY A 12 14.31 0.19 -1.22
CA GLY A 12 15.48 0.47 -0.41
C GLY A 12 14.99 0.79 0.99
N LEU A 13 15.18 -0.15 1.92
CA LEU A 13 14.68 -0.03 3.29
C LEU A 13 13.19 0.33 3.32
N GLY A 14 12.42 -0.16 2.36
CA GLY A 14 10.98 0.02 2.38
C GLY A 14 10.47 1.20 1.59
N ASN A 15 11.36 2.01 1.01
CA ASN A 15 10.98 3.00 0.00
C ASN A 15 10.90 2.25 -1.31
N ASP A 16 9.67 1.98 -1.80
CA ASP A 16 9.50 0.95 -2.82
C ASP A 16 9.30 1.53 -4.22
N PHE A 17 9.90 0.85 -5.20
CA PHE A 17 10.05 1.35 -6.57
C PHE A 17 9.51 0.34 -7.56
N MET A 18 8.82 0.86 -8.58
CA MET A 18 8.65 0.14 -9.84
C MET A 18 9.76 0.61 -10.76
N VAL A 19 10.54 -0.33 -11.29
CA VAL A 19 11.71 -0.01 -12.11
C VAL A 19 11.52 -0.63 -13.48
N VAL A 20 11.69 0.17 -14.53
CA VAL A 20 11.34 -0.23 -15.89
C VAL A 20 12.52 0.04 -16.82
N ASP A 21 12.94 -1.00 -17.54
CA ASP A 21 13.94 -0.89 -18.60
C ASP A 21 13.25 -0.34 -19.86
N LEU A 22 13.49 0.94 -20.14
CA LEU A 22 13.03 1.55 -21.39
C LEU A 22 14.19 1.76 -22.36
N ILE A 23 15.18 0.88 -22.30
CA ILE A 23 16.15 0.74 -23.37
C ILE A 23 15.78 -0.43 -24.29
N SER A 24 15.49 -1.60 -23.72
CA SER A 24 15.02 -2.73 -24.51
CA SER A 24 15.00 -2.75 -24.46
C SER A 24 13.52 -2.68 -24.75
N GLN A 25 12.80 -1.74 -24.14
CA GLN A 25 11.37 -1.57 -24.34
C GLN A 25 11.08 -0.11 -24.62
N ARG A 26 9.89 0.14 -25.17
CA ARG A 26 9.38 1.49 -25.36
C ARG A 26 7.98 1.55 -24.77
N ALA A 27 7.68 2.65 -24.07
CA ALA A 27 6.37 2.83 -23.49
C ALA A 27 6.07 4.31 -23.37
N TYR A 28 4.79 4.66 -23.48
CA TYR A 28 4.35 6.04 -23.27
C TYR A 28 3.69 6.13 -21.90
N LEU A 29 4.24 6.97 -21.03
CA LEU A 29 3.84 7.02 -19.62
C LEU A 29 3.54 8.46 -19.24
N ASP A 30 2.30 8.89 -19.44
CA ASP A 30 1.95 10.25 -19.03
C ASP A 30 1.61 10.26 -17.54
N THR A 31 1.27 11.46 -17.05
CA THR A 31 1.02 11.64 -15.62
C THR A 31 -0.07 10.71 -15.11
N ALA A 32 -1.18 10.62 -15.84
CA ALA A 32 -2.32 9.80 -15.39
C ALA A 32 -1.97 8.32 -15.38
N THR A 33 -1.19 7.87 -16.36
CA THR A 33 -0.78 6.47 -16.39
C THR A 33 0.10 6.13 -15.20
N ILE A 34 0.99 7.05 -14.82
CA ILE A 34 1.85 6.78 -13.66
C ILE A 34 1.02 6.70 -12.39
N GLN A 35 0.04 7.61 -12.24
CA GLN A 35 -0.85 7.57 -11.09
C GLN A 35 -1.60 6.24 -11.01
N ARG A 36 -2.08 5.74 -12.15
CA ARG A 36 -2.81 4.48 -12.15
C ARG A 36 -1.90 3.30 -11.81
N LEU A 37 -0.65 3.33 -12.30
CA LEU A 37 0.29 2.27 -11.94
C LEU A 37 0.67 2.32 -10.47
N ALA A 38 0.74 3.53 -9.90
CA ALA A 38 1.16 3.72 -8.52
C ALA A 38 0.12 3.25 -7.53
N ASP A 39 -1.15 3.20 -7.93
CA ASP A 39 -2.23 2.94 -7.01
C ASP A 39 -2.04 1.59 -6.34
N ARG A 40 -2.09 1.59 -5.01
CA ARG A 40 -1.78 0.38 -4.23
C ARG A 40 -2.84 -0.70 -4.41
N HIS A 41 -4.08 -0.32 -4.69
CA HIS A 41 -5.15 -1.30 -4.79
C HIS A 41 -5.47 -1.68 -6.22
N PHE A 42 -5.46 -0.71 -7.13
CA PHE A 42 -5.79 -0.94 -8.52
C PHE A 42 -4.57 -1.15 -9.40
N GLY A 43 -3.38 -0.86 -8.90
CA GLY A 43 -2.22 -0.92 -9.75
C GLY A 43 -1.10 -1.75 -9.16
N VAL A 44 0.13 -1.47 -9.60
CA VAL A 44 1.30 -2.17 -9.09
C VAL A 44 1.53 -1.83 -7.62
N GLY A 45 1.48 -0.54 -7.29
CA GLY A 45 1.71 -0.05 -5.95
C GLY A 45 3.17 0.31 -5.75
N PHE A 46 3.48 1.60 -5.60
CA PHE A 46 4.86 2.02 -5.39
C PHE A 46 4.89 3.44 -4.86
N ASP A 47 6.01 3.76 -4.19
CA ASP A 47 6.35 5.14 -3.82
C ASP A 47 6.83 5.93 -5.04
N GLN A 48 7.71 5.34 -5.84
CA GLN A 48 8.25 6.01 -7.02
C GLN A 48 8.42 5.03 -8.17
N LEU A 49 8.37 5.61 -9.37
CA LEU A 49 8.62 4.93 -10.63
C LEU A 49 9.99 5.37 -11.12
N LEU A 50 10.85 4.41 -11.47
CA LEU A 50 12.16 4.73 -12.04
C LEU A 50 12.24 4.12 -13.43
N ILE A 51 12.52 4.94 -14.43
CA ILE A 51 12.65 4.46 -15.80
C ILE A 51 14.11 4.61 -16.22
N VAL A 52 14.64 3.57 -16.85
CA VAL A 52 16.00 3.59 -17.38
C VAL A 52 15.89 3.82 -18.88
N GLU A 53 16.58 4.84 -19.36
CA GLU A 53 16.44 5.30 -20.73
C GLU A 53 17.81 5.41 -21.39
N PRO A 54 17.86 5.43 -22.72
CA PRO A 54 19.13 5.67 -23.41
C PRO A 54 19.72 7.00 -23.01
N PRO A 55 21.04 7.08 -22.85
CA PRO A 55 21.66 8.35 -22.48
C PRO A 55 21.56 9.39 -23.59
N ASP A 56 21.45 10.66 -23.17
CA ASP A 56 21.48 11.80 -24.10
C ASP A 56 22.88 12.25 -24.42
N VAL A 57 23.87 11.86 -23.62
CA VAL A 57 25.24 12.35 -23.77
C VAL A 57 26.18 11.16 -23.88
N PRO A 58 27.23 11.26 -24.68
CA PRO A 58 28.08 10.08 -24.93
C PRO A 58 28.81 9.56 -23.72
N GLU A 59 29.03 10.38 -22.69
CA GLU A 59 29.81 9.94 -21.54
C GLU A 59 28.99 9.14 -20.54
N ALA A 60 27.67 9.07 -20.70
CA ALA A 60 26.83 8.32 -19.77
C ALA A 60 26.49 6.96 -20.35
N ASP A 61 26.49 5.94 -19.49
CA ASP A 61 25.98 4.62 -19.86
C ASP A 61 24.46 4.62 -19.92
N PHE A 62 23.81 5.38 -19.05
CA PHE A 62 22.37 5.31 -18.90
C PHE A 62 21.84 6.69 -18.54
N LYS A 63 20.54 6.86 -18.75
CA LYS A 63 19.77 7.96 -18.21
C LYS A 63 18.65 7.37 -17.36
N TYR A 64 18.29 8.07 -16.27
CA TYR A 64 17.06 7.68 -15.62
C TYR A 64 16.28 8.90 -15.16
N ARG A 65 15.00 8.68 -14.97
CA ARG A 65 14.10 9.68 -14.42
C ARG A 65 13.24 8.98 -13.39
N ILE A 66 12.86 9.72 -12.37
CA ILE A 66 12.13 9.18 -11.22
C ILE A 66 10.88 10.01 -11.02
N PHE A 67 9.74 9.35 -10.88
CA PHE A 67 8.45 10.02 -10.71
C PHE A 67 7.81 9.54 -9.41
N ASN A 68 7.10 10.45 -8.76
N ASN A 68 7.13 10.42 -8.70
CA ASN A 68 6.34 10.12 -7.56
CA ASN A 68 6.47 9.93 -7.51
C ASN A 68 5.05 9.38 -7.91
C ASN A 68 5.07 9.40 -7.88
N ALA A 69 4.34 8.94 -6.87
CA ALA A 69 3.06 8.27 -7.08
C ALA A 69 2.02 9.17 -7.73
N ASP A 70 2.16 10.49 -7.62
CA ASP A 70 1.20 11.36 -8.29
C ASP A 70 1.66 11.76 -9.68
N GLY A 71 2.72 11.11 -10.20
CA GLY A 71 3.19 11.35 -11.54
C GLY A 71 4.13 12.52 -11.72
N SER A 72 4.47 13.28 -10.67
CA SER A 72 5.41 14.39 -10.83
C SER A 72 6.85 13.89 -10.75
N GLU A 73 7.76 14.61 -11.42
CA GLU A 73 9.14 14.13 -11.51
C GLU A 73 9.92 14.71 -10.32
N VAL A 74 9.82 14.03 -9.18
CA VAL A 74 10.31 14.53 -7.90
C VAL A 74 10.70 13.32 -7.04
N GLU A 75 11.73 13.52 -6.20
CA GLU A 75 12.10 12.53 -5.18
C GLU A 75 12.62 13.26 -3.95
N GLN A 76 12.15 12.85 -2.78
CA GLN A 76 12.54 13.52 -1.53
C GLN A 76 13.77 12.91 -0.85
N CYS A 77 14.03 11.60 -1.03
CA CYS A 77 14.95 10.87 -0.16
CA CYS A 77 14.94 10.86 -0.17
C CYS A 77 16.19 10.34 -0.86
N GLY A 78 16.27 10.39 -2.19
CA GLY A 78 17.47 10.00 -2.90
C GLY A 78 17.89 8.54 -2.85
N ASN A 79 16.95 7.60 -2.60
CA ASN A 79 17.23 6.16 -2.61
C ASN A 79 17.17 5.51 -3.99
N GLY A 80 16.51 6.14 -4.95
CA GLY A 80 16.30 5.48 -6.24
C GLY A 80 17.60 5.17 -6.98
N VAL A 81 18.63 5.98 -6.77
CA VAL A 81 19.91 5.75 -7.44
C VAL A 81 20.45 4.36 -7.09
N ARG A 82 20.23 3.91 -5.86
CA ARG A 82 20.73 2.60 -5.47
C ARG A 82 19.98 1.49 -6.18
N CYS A 83 18.64 1.59 -6.24
CA CYS A 83 17.86 0.60 -6.96
C CYS A 83 18.26 0.56 -8.42
N PHE A 84 18.48 1.73 -9.02
CA PHE A 84 18.91 1.80 -10.41
C PHE A 84 20.19 1.00 -10.64
N ALA A 85 21.20 1.22 -9.79
CA ALA A 85 22.50 0.60 -10.01
C ALA A 85 22.39 -0.91 -9.92
N ARG A 86 21.64 -1.40 -8.95
CA ARG A 86 21.34 -2.83 -8.85
C ARG A 86 20.59 -3.33 -10.07
N PHE A 87 19.57 -2.58 -10.51
CA PHE A 87 18.69 -3.04 -11.58
C PHE A 87 19.45 -3.27 -12.88
N VAL A 88 20.27 -2.30 -13.29
CA VAL A 88 20.93 -2.45 -14.59
C VAL A 88 21.90 -3.64 -14.55
N HIS A 89 22.42 -3.97 -13.38
CA HIS A 89 23.21 -5.18 -13.21
C HIS A 89 22.34 -6.43 -13.30
N GLU A 90 21.24 -6.47 -12.54
CA GLU A 90 20.34 -7.63 -12.55
C GLU A 90 19.75 -7.89 -13.93
N ARG A 91 19.46 -6.84 -14.69
CA ARG A 91 18.87 -6.99 -16.02
CA ARG A 91 18.89 -6.96 -16.02
C ARG A 91 19.93 -7.23 -17.10
N HIS A 92 21.19 -7.38 -16.73
CA HIS A 92 22.28 -7.61 -17.67
C HIS A 92 22.35 -6.49 -18.72
N LEU A 93 21.98 -5.27 -18.33
CA LEU A 93 22.14 -4.14 -19.22
C LEU A 93 23.59 -3.66 -19.25
N THR A 94 24.35 -3.97 -18.21
CA THR A 94 25.78 -3.69 -18.16
C THR A 94 26.44 -4.69 -17.24
N ASN A 95 27.75 -4.86 -17.44
N ASN A 95 27.75 -4.86 -17.44
CA ASN A 95 28.57 -5.62 -16.51
CA ASN A 95 28.58 -5.62 -16.52
C ASN A 95 29.35 -4.73 -15.55
C ASN A 95 29.33 -4.73 -15.54
N LYS A 96 29.38 -3.43 -15.79
CA LYS A 96 30.12 -2.51 -14.93
C LYS A 96 29.45 -2.39 -13.57
N THR A 97 30.26 -2.24 -12.53
CA THR A 97 29.76 -1.93 -11.19
C THR A 97 29.91 -0.46 -10.83
N ASN A 98 30.71 0.29 -11.59
CA ASN A 98 30.81 1.74 -11.48
C ASN A 98 30.18 2.32 -12.74
N ILE A 99 28.90 2.62 -12.64
CA ILE A 99 28.10 3.05 -13.76
C ILE A 99 28.11 4.58 -13.79
N THR A 100 28.10 5.16 -15.00
CA THR A 100 27.90 6.61 -15.15
C THR A 100 26.48 6.86 -15.64
N VAL A 101 25.69 7.61 -14.86
CA VAL A 101 24.28 7.78 -15.17
C VAL A 101 23.93 9.26 -15.21
N GLN A 102 23.14 9.62 -16.22
CA GLN A 102 22.64 10.97 -16.42
C GLN A 102 21.31 11.10 -15.71
N THR A 103 21.19 12.06 -14.80
CA THR A 103 20.00 12.26 -13.99
C THR A 103 19.56 13.72 -14.10
N LYS A 104 18.44 14.03 -13.44
CA LYS A 104 17.95 15.40 -13.42
C LYS A 104 18.89 16.32 -12.65
N ALA A 105 19.74 15.76 -11.78
CA ALA A 105 20.71 16.56 -11.05
C ALA A 105 22.10 16.49 -11.64
N GLY A 106 22.25 15.94 -12.84
CA GLY A 106 23.54 15.84 -13.49
C GLY A 106 24.05 14.42 -13.53
N ILE A 107 25.37 14.29 -13.64
CA ILE A 107 26.03 13.00 -13.70
C ILE A 107 26.13 12.41 -12.30
N VAL A 108 25.79 11.13 -12.16
CA VAL A 108 26.00 10.41 -10.92
C VAL A 108 26.75 9.12 -11.26
N LYS A 109 27.66 8.72 -10.37
CA LYS A 109 28.47 7.51 -10.57
C LYS A 109 28.30 6.58 -9.37
N PRO A 110 27.16 5.92 -9.25
CA PRO A 110 26.96 5.02 -8.10
C PRO A 110 27.86 3.81 -8.19
N GLU A 111 28.24 3.28 -7.04
CA GLU A 111 29.17 2.15 -6.95
C GLU A 111 28.45 0.97 -6.32
N LEU A 112 28.17 -0.04 -7.12
CA LEU A 112 27.48 -1.24 -6.63
C LEU A 112 28.50 -2.18 -6.02
N GLY A 113 28.26 -2.57 -4.77
CA GLY A 113 29.11 -3.53 -4.09
C GLY A 113 28.41 -4.85 -3.82
N GLN A 114 28.70 -5.40 -2.64
CA GLN A 114 28.26 -6.75 -2.28
C GLN A 114 26.84 -6.75 -1.77
N ASN A 115 26.10 -7.82 -2.11
CA ASN A 115 24.77 -8.10 -1.55
C ASN A 115 23.82 -6.92 -1.77
N GLY A 116 23.94 -6.26 -2.91
CA GLY A 116 23.02 -5.20 -3.24
C GLY A 116 23.30 -3.85 -2.61
N TRP A 117 24.38 -3.71 -1.84
CA TRP A 117 24.67 -2.40 -1.28
C TRP A 117 25.27 -1.50 -2.35
N VAL A 118 24.95 -0.21 -2.28
CA VAL A 118 25.40 0.79 -3.25
C VAL A 118 25.92 2.01 -2.51
N ARG A 119 27.10 2.49 -2.90
CA ARG A 119 27.69 3.71 -2.36
C ARG A 119 27.39 4.87 -3.31
N VAL A 120 26.86 5.98 -2.78
CA VAL A 120 26.35 7.08 -3.58
C VAL A 120 26.92 8.41 -3.08
N ASN A 121 27.41 9.23 -4.01
CA ASN A 121 27.82 10.60 -3.71
C ASN A 121 26.57 11.47 -3.61
N MET A 122 26.24 11.92 -2.39
CA MET A 122 25.04 12.71 -2.16
C MET A 122 25.29 14.22 -2.22
N GLY A 123 26.48 14.64 -2.64
CA GLY A 123 26.76 16.04 -2.83
C GLY A 123 27.15 16.75 -1.54
N TYR A 124 27.35 18.06 -1.65
CA TYR A 124 27.76 18.85 -0.50
C TYR A 124 26.55 19.22 0.35
N PRO A 125 26.65 19.14 1.67
CA PRO A 125 25.60 19.72 2.52
C PRO A 125 25.76 21.22 2.59
N LYS A 126 24.62 21.92 2.69
CA LYS A 126 24.61 23.35 2.87
C LYS A 126 23.89 23.70 4.17
N PHE A 127 24.38 24.73 4.86
CA PHE A 127 23.94 25.02 6.21
C PHE A 127 23.40 26.42 6.42
N LEU A 128 23.76 27.39 5.58
CA LEU A 128 23.33 28.75 5.81
C LEU A 128 21.81 28.83 5.76
N PRO A 129 21.18 29.59 6.66
CA PRO A 129 19.70 29.67 6.64
C PRO A 129 19.10 29.94 5.27
N ASN A 130 19.62 30.91 4.51
CA ASN A 130 18.99 31.18 3.22
CA ASN A 130 19.02 31.20 3.21
C ASN A 130 19.27 30.10 2.20
N GLU A 131 20.12 29.12 2.52
CA GLU A 131 20.32 27.98 1.64
C GLU A 131 19.40 26.82 1.97
N ILE A 132 18.59 26.91 3.03
CA ILE A 132 17.81 25.76 3.47
C ILE A 132 16.53 25.60 2.63
N PRO A 133 15.61 26.59 2.56
CA PRO A 133 15.53 27.91 3.17
C PRO A 133 14.92 27.85 4.57
N PHE A 134 15.41 28.73 5.42
CA PHE A 134 15.05 28.80 6.83
C PHE A 134 15.17 30.26 7.24
N VAL A 135 14.16 30.78 7.95
CA VAL A 135 14.13 32.18 8.34
C VAL A 135 14.93 32.32 9.64
N ALA A 136 16.08 32.99 9.54
CA ALA A 136 16.99 33.27 10.65
C ALA A 136 17.97 34.34 10.20
N GLU A 137 18.21 35.32 11.06
CA GLU A 137 19.07 36.45 10.68
C GLU A 137 20.51 36.02 10.44
N GLU A 138 21.05 35.14 11.29
CA GLU A 138 22.47 34.80 11.25
C GLU A 138 22.63 33.29 11.30
N PRO A 139 23.62 32.74 10.59
CA PRO A 139 23.93 31.32 10.75
C PRO A 139 24.41 31.04 12.17
N GLU A 140 23.90 29.97 12.76
CA GLU A 140 24.27 29.55 14.11
C GLU A 140 24.51 28.05 14.11
N ALA A 141 25.04 27.55 15.24
CA ALA A 141 25.24 26.11 15.37
C ALA A 141 23.92 25.39 15.58
N LEU A 142 23.06 25.95 16.42
CA LEU A 142 21.74 25.38 16.70
C LEU A 142 20.75 26.53 16.83
N TYR A 143 19.47 26.21 16.68
CA TYR A 143 18.44 27.24 16.75
C TYR A 143 17.32 26.77 17.65
N THR A 144 16.74 27.70 18.41
CA THR A 144 15.52 27.41 19.15
C THR A 144 14.33 27.62 18.23
N LEU A 145 13.46 26.62 18.15
CA LEU A 145 12.25 26.67 17.34
C LEU A 145 11.04 26.64 18.28
N GLU A 146 10.16 27.64 18.17
CA GLU A 146 9.00 27.74 19.04
C GLU A 146 7.85 26.95 18.43
N LEU A 147 7.21 26.11 19.24
CA LEU A 147 6.06 25.32 18.87
C LEU A 147 4.83 25.79 19.64
N ALA A 148 3.72 25.08 19.44
CA ALA A 148 2.48 25.43 20.14
C ALA A 148 2.59 25.19 21.64
N ASN A 149 1.80 25.93 22.41
CA ASN A 149 1.65 25.73 23.85
C ASN A 149 2.98 25.90 24.58
N ASP A 150 3.76 26.87 24.15
CA ASP A 150 5.00 27.27 24.83
C ASP A 150 6.02 26.14 24.91
N GLN A 151 5.99 25.23 23.93
CA GLN A 151 7.00 24.20 23.80
C GLN A 151 8.04 24.65 22.79
N ASN A 152 9.30 24.44 23.13
CA ASN A 152 10.42 24.76 22.25
C ASN A 152 11.26 23.51 22.03
N ILE A 153 11.93 23.45 20.88
CA ILE A 153 12.92 22.43 20.58
C ILE A 153 14.14 23.11 19.98
N SER A 154 15.29 22.45 20.11
CA SER A 154 16.54 22.89 19.51
C SER A 154 16.73 22.11 18.21
N ILE A 155 17.01 22.81 17.12
CA ILE A 155 17.19 22.18 15.83
C ILE A 155 18.49 22.63 15.19
N ASP A 156 19.02 21.76 14.34
CA ASP A 156 20.06 22.07 13.36
C ASP A 156 19.40 22.00 11.98
N VAL A 157 19.93 22.73 11.00
CA VAL A 157 19.34 22.72 9.66
C VAL A 157 20.41 22.30 8.64
N VAL A 158 19.99 21.52 7.66
CA VAL A 158 20.87 21.05 6.60
C VAL A 158 20.07 21.01 5.31
N ASN A 159 20.69 21.41 4.20
CA ASN A 159 20.09 21.21 2.89
C ASN A 159 20.92 20.17 2.13
N MET A 160 20.27 19.08 1.72
CA MET A 160 20.89 18.02 0.93
C MET A 160 20.32 18.01 -0.48
N GLY A 161 20.05 19.20 -1.02
CA GLY A 161 19.20 19.35 -2.19
C GLY A 161 17.77 19.64 -1.81
N ASN A 162 17.34 19.17 -0.65
N ASN A 162 17.33 19.16 -0.65
CA ASN A 162 16.04 19.44 -0.07
CA ASN A 162 16.04 19.42 -0.05
C ASN A 162 16.28 19.88 1.36
C ASN A 162 16.27 19.86 1.38
N PRO A 163 15.30 20.52 2.01
CA PRO A 163 15.53 21.06 3.37
C PRO A 163 15.26 20.07 4.48
N HIS A 164 16.10 20.14 5.52
CA HIS A 164 16.01 19.27 6.68
C HIS A 164 16.22 20.06 7.97
N ALA A 165 15.48 19.67 9.00
CA ALA A 165 15.66 20.18 10.35
C ALA A 165 15.82 18.97 11.25
N VAL A 166 16.88 18.94 12.06
CA VAL A 166 17.20 17.77 12.86
C VAL A 166 17.16 18.16 14.33
N THR A 167 16.38 17.41 15.12
CA THR A 167 16.35 17.58 16.56
C THR A 167 16.72 16.27 17.24
N ILE A 168 17.40 16.37 18.37
CA ILE A 168 17.90 15.20 19.08
C ILE A 168 16.93 14.86 20.21
N VAL A 169 16.59 13.59 20.32
CA VAL A 169 15.64 13.11 21.32
C VAL A 169 16.32 12.04 22.17
N PRO A 170 15.92 11.85 23.43
CA PRO A 170 16.53 10.78 24.23
C PRO A 170 16.11 9.38 23.82
N ASP A 171 14.94 9.21 23.21
CA ASP A 171 14.44 7.87 22.89
C ASP A 171 13.58 7.98 21.64
N VAL A 172 14.06 7.41 20.54
CA VAL A 172 13.34 7.57 19.28
C VAL A 172 11.95 6.93 19.37
N LEU A 173 11.79 5.90 20.21
CA LEU A 173 10.50 5.21 20.29
C LEU A 173 9.43 6.06 20.95
N THR A 174 9.81 6.90 21.91
CA THR A 174 8.85 7.72 22.65
C THR A 174 8.78 9.16 22.14
N ALA A 175 9.56 9.50 21.11
CA ALA A 175 9.54 10.86 20.59
C ALA A 175 8.16 11.19 20.03
N ASP A 176 7.69 12.40 20.29
CA ASP A 176 6.35 12.81 19.84
C ASP A 176 6.40 13.25 18.38
N VAL A 177 6.73 12.29 17.51
CA VAL A 177 6.82 12.60 16.08
C VAL A 177 5.47 13.04 15.53
N ALA A 178 4.38 12.43 16.02
CA ALA A 178 3.06 12.72 15.47
C ALA A 178 2.62 14.14 15.80
N GLY A 179 2.97 14.64 16.98
CA GLY A 179 2.57 15.97 17.40
C GLY A 179 3.56 17.07 17.04
N ILE A 180 4.86 16.76 17.12
CA ILE A 180 5.89 17.75 16.84
C ILE A 180 6.17 17.83 15.35
N GLY A 181 6.24 16.68 14.67
CA GLY A 181 6.54 16.63 13.25
C GLY A 181 5.77 17.61 12.39
N PRO A 182 4.42 17.57 12.46
CA PRO A 182 3.64 18.52 11.65
C PRO A 182 3.97 19.97 11.94
N GLN A 183 4.27 20.29 13.20
CA GLN A 183 4.56 21.68 13.56
C GLN A 183 5.89 22.13 12.98
N VAL A 184 6.87 21.23 12.91
CA VAL A 184 8.14 21.59 12.29
C VAL A 184 8.00 21.63 10.77
N GLU A 185 7.38 20.60 10.20
CA GLU A 185 7.31 20.46 8.74
C GLU A 185 6.67 21.68 8.09
N SER A 186 5.71 22.30 8.76
CA SER A 186 5.00 23.46 8.22
C SER A 186 5.29 24.74 9.00
N HIS A 187 6.37 24.77 9.78
CA HIS A 187 6.67 25.95 10.57
C HIS A 187 6.82 27.17 9.67
N LYS A 188 6.38 28.33 10.16
CA LYS A 188 6.53 29.57 9.38
C LYS A 188 7.99 29.90 9.10
N ARG A 189 8.92 29.38 9.88
CA ARG A 189 10.32 29.65 9.60
C ARG A 189 10.88 28.79 8.47
N PHE A 190 10.10 27.85 7.93
CA PHE A 190 10.52 27.05 6.78
C PHE A 190 9.56 27.36 5.65
N PRO A 191 9.84 28.38 4.85
CA PRO A 191 8.85 28.85 3.86
C PRO A 191 8.53 27.84 2.77
N GLU A 192 9.43 26.86 2.55
CA GLU A 192 9.17 25.80 1.59
C GLU A 192 8.89 24.49 2.27
N ARG A 193 8.53 24.54 3.58
CA ARG A 193 8.36 23.39 4.45
C ARG A 193 9.70 22.67 4.62
N VAL A 194 9.71 21.57 5.37
CA VAL A 194 10.98 20.95 5.75
C VAL A 194 10.71 19.52 6.18
N ASN A 195 11.70 18.66 5.95
CA ASN A 195 11.70 17.30 6.48
C ASN A 195 12.24 17.34 7.91
N ALA A 196 11.43 16.85 8.87
CA ALA A 196 11.77 16.97 10.28
C ALA A 196 12.30 15.63 10.79
N GLY A 197 13.56 15.62 11.21
CA GLY A 197 14.20 14.42 11.70
C GLY A 197 14.33 14.44 13.21
N PHE A 198 14.14 13.26 13.82
CA PHE A 198 14.20 13.08 15.25
C PHE A 198 15.23 12.00 15.50
N MET A 199 16.40 12.40 16.04
CA MET A 199 17.56 11.51 16.11
C MET A 199 17.85 11.13 17.55
N GLN A 200 18.01 9.84 17.79
CA GLN A 200 18.55 9.33 19.05
C GLN A 200 19.98 8.88 18.81
N VAL A 201 20.92 9.40 19.60
CA VAL A 201 22.33 9.05 19.49
C VAL A 201 22.60 7.89 20.43
N ILE A 202 22.93 6.72 19.87
CA ILE A 202 23.31 5.58 20.70
C ILE A 202 24.75 5.72 21.16
N ASP A 203 25.66 5.94 20.21
CA ASP A 203 27.05 6.28 20.49
C ASP A 203 27.58 7.04 19.29
N ASP A 204 28.89 7.33 19.26
CA ASP A 204 29.38 8.19 18.21
C ASP A 204 29.36 7.55 16.83
N LYS A 205 29.01 6.27 16.71
CA LYS A 205 28.96 5.61 15.41
C LYS A 205 27.60 5.02 15.10
N HIS A 206 26.59 5.24 15.93
CA HIS A 206 25.26 4.64 15.74
C HIS A 206 24.18 5.59 16.22
N VAL A 207 23.20 5.88 15.35
CA VAL A 207 22.05 6.69 15.74
C VAL A 207 20.79 6.01 15.22
N ARG A 208 19.65 6.34 15.84
CA ARG A 208 18.35 5.99 15.33
C ARG A 208 17.62 7.25 14.89
N LEU A 209 16.81 7.15 13.84
CA LEU A 209 16.24 8.33 13.21
C LEU A 209 14.82 8.05 12.72
N ARG A 210 13.87 8.88 13.14
CA ARG A 210 12.54 8.95 12.53
C ARG A 210 12.43 10.26 11.77
N VAL A 211 11.83 10.23 10.58
CA VAL A 211 11.71 11.43 9.75
C VAL A 211 10.26 11.66 9.38
N PHE A 212 9.77 12.86 9.70
CA PHE A 212 8.47 13.33 9.24
C PHE A 212 8.72 14.09 7.95
N GLU A 213 8.40 13.46 6.82
CA GLU A 213 8.75 14.04 5.52
C GLU A 213 7.78 15.12 5.07
N ARG A 214 8.33 16.10 4.37
CA ARG A 214 7.57 17.19 3.79
C ARG A 214 6.41 16.67 2.94
N GLY A 215 5.20 17.15 3.24
CA GLY A 215 4.00 16.80 2.51
C GLY A 215 3.55 15.36 2.62
N VAL A 216 4.21 14.55 3.45
CA VAL A 216 3.98 13.11 3.51
C VAL A 216 3.68 12.66 4.93
N GLY A 217 4.46 13.13 5.90
CA GLY A 217 4.43 12.58 7.24
C GLY A 217 5.51 11.54 7.43
N GLU A 218 5.35 10.73 8.47
CA GLU A 218 6.46 9.83 8.84
C GLU A 218 6.61 8.74 7.78
N THR A 219 7.85 8.48 7.38
CA THR A 219 8.18 7.52 6.33
C THR A 219 9.20 6.50 6.84
N LEU A 220 9.35 5.41 6.07
CA LEU A 220 10.25 4.33 6.47
C LEU A 220 11.73 4.68 6.28
N ALA A 221 12.07 5.37 5.19
CA ALA A 221 13.48 5.41 4.79
C ALA A 221 13.80 6.68 4.00
N CYS A 222 13.84 7.82 4.70
CA CYS A 222 14.25 9.08 4.07
C CYS A 222 15.78 9.13 4.04
N GLY A 223 16.38 8.81 2.88
CA GLY A 223 17.84 8.74 2.81
C GLY A 223 18.52 10.09 2.98
N THR A 224 17.98 11.13 2.35
CA THR A 224 18.58 12.44 2.57
C THR A 224 18.39 12.91 4.01
N GLY A 225 17.31 12.46 4.66
CA GLY A 225 17.15 12.75 6.08
C GLY A 225 18.21 12.07 6.92
N ALA A 226 18.56 10.82 6.59
CA ALA A 226 19.67 10.18 7.27
C ALA A 226 20.97 10.95 7.06
N CYS A 227 21.21 11.41 5.83
CA CYS A 227 22.39 12.23 5.56
C CYS A 227 22.42 13.45 6.47
N ALA A 228 21.30 14.19 6.52
CA ALA A 228 21.22 15.42 7.28
C ALA A 228 21.42 15.17 8.77
N ALA A 229 20.81 14.13 9.31
CA ALA A 229 20.95 13.84 10.74
C ALA A 229 22.39 13.50 11.08
N ALA A 230 23.01 12.62 10.29
CA ALA A 230 24.38 12.22 10.57
C ALA A 230 25.31 13.42 10.46
N VAL A 231 25.17 14.21 9.38
CA VAL A 231 26.00 15.40 9.22
C VAL A 231 25.81 16.33 10.41
N SER A 232 24.57 16.52 10.85
CA SER A 232 24.31 17.40 11.99
C SER A 232 25.01 16.90 13.24
N GLY A 233 24.89 15.60 13.52
CA GLY A 233 25.53 15.05 14.70
C GLY A 233 27.03 15.19 14.66
N MET A 234 27.62 15.10 13.46
CA MET A 234 29.06 15.31 13.36
C MET A 234 29.40 16.78 13.65
N ARG A 235 28.61 17.71 13.11
CA ARG A 235 28.88 19.12 13.35
C ARG A 235 28.75 19.49 14.81
N ARG A 236 27.81 18.87 15.52
CA ARG A 236 27.66 19.09 16.94
C ARG A 236 28.74 18.40 17.78
N GLY A 237 29.67 17.71 17.14
CA GLY A 237 30.74 17.06 17.87
C GLY A 237 30.31 15.81 18.62
N LEU A 238 29.18 15.22 18.22
CA LEU A 238 28.63 14.04 18.86
C LEU A 238 28.94 12.76 18.12
N LEU A 239 29.20 12.83 16.82
CA LEU A 239 29.33 11.65 15.97
C LEU A 239 30.68 11.63 15.27
N ALA A 240 31.19 10.42 15.06
CA ALA A 240 32.37 10.19 14.24
C ALA A 240 32.02 10.42 12.78
N ASN A 241 33.03 10.36 11.91
CA ASN A 241 32.80 10.73 10.51
C ASN A 241 32.27 9.56 9.67
N SER A 242 31.94 8.43 10.29
CA SER A 242 31.21 7.36 9.62
C SER A 242 30.20 6.81 10.61
N VAL A 243 28.92 6.84 10.25
CA VAL A 243 27.83 6.60 11.18
C VAL A 243 26.81 5.67 10.56
N GLU A 244 26.38 4.67 11.33
CA GLU A 244 25.22 3.86 10.97
C GLU A 244 23.95 4.56 11.42
N VAL A 245 23.05 4.86 10.48
CA VAL A 245 21.76 5.43 10.80
C VAL A 245 20.71 4.33 10.70
N GLU A 246 20.02 4.05 11.79
CA GLU A 246 18.91 3.11 11.76
C GLU A 246 17.63 3.89 11.52
N LEU A 247 17.12 3.82 10.29
CA LEU A 247 15.82 4.37 9.96
C LEU A 247 14.73 3.37 10.36
N ALA A 248 13.47 3.81 10.27
CA ALA A 248 12.37 2.90 10.56
C ALA A 248 12.41 1.67 9.67
N GLY A 249 12.87 1.83 8.44
CA GLY A 249 12.97 0.72 7.50
C GLY A 249 14.24 -0.10 7.57
N GLY A 250 15.24 0.36 8.33
CA GLY A 250 16.46 -0.41 8.47
C GLY A 250 17.69 0.49 8.45
N LYS A 251 18.86 -0.13 8.35
CA LYS A 251 20.13 0.55 8.60
C LYS A 251 20.86 0.88 7.30
N LEU A 252 21.55 2.03 7.31
CA LEU A 252 22.50 2.38 6.26
C LEU A 252 23.61 3.22 6.85
N GLN A 253 24.62 3.54 6.03
CA GLN A 253 25.84 4.19 6.50
C GLN A 253 26.00 5.55 5.84
N ILE A 254 26.42 6.55 6.63
CA ILE A 254 26.69 7.90 6.16
C ILE A 254 28.12 8.25 6.53
N GLU A 255 28.88 8.74 5.56
CA GLU A 255 30.24 9.20 5.78
C GLU A 255 30.36 10.65 5.32
N TRP A 256 31.01 11.48 6.13
CA TRP A 256 31.17 12.88 5.75
C TRP A 256 32.34 13.49 6.50
N GLN A 257 33.03 14.39 5.82
CA GLN A 257 34.04 15.23 6.46
C GLN A 257 33.84 16.64 5.95
N GLU A 258 33.91 17.61 6.87
CA GLU A 258 33.67 19.01 6.53
C GLU A 258 34.53 19.42 5.35
N GLY A 259 33.88 20.00 4.32
CA GLY A 259 34.54 20.38 3.10
C GLY A 259 34.42 19.38 1.96
N ASP A 260 33.92 18.17 2.23
CA ASP A 260 33.75 17.14 1.21
C ASP A 260 32.26 16.83 1.06
N VAL A 261 31.94 15.97 0.07
CA VAL A 261 30.57 15.53 -0.13
C VAL A 261 30.18 14.51 0.93
N VAL A 262 28.88 14.28 1.05
CA VAL A 262 28.35 13.20 1.88
C VAL A 262 28.31 11.93 1.04
N TRP A 263 28.80 10.82 1.61
CA TRP A 263 28.70 9.52 0.98
C TRP A 263 27.70 8.65 1.74
N MET A 264 26.75 8.06 1.02
CA MET A 264 25.73 7.21 1.60
C MET A 264 25.88 5.82 1.02
N THR A 265 26.03 4.82 1.88
CA THR A 265 26.05 3.42 1.46
C THR A 265 24.82 2.74 2.04
N GLY A 266 23.94 2.28 1.15
CA GLY A 266 22.69 1.69 1.58
C GLY A 266 22.31 0.45 0.80
N PRO A 267 21.42 -0.36 1.37
CA PRO A 267 21.02 -1.61 0.73
C PRO A 267 19.97 -1.41 -0.34
N THR A 268 19.74 -2.48 -1.11
CA THR A 268 18.64 -2.57 -2.06
C THR A 268 18.04 -3.96 -1.96
N THR A 269 16.79 -4.06 -2.39
CA THR A 269 16.10 -5.35 -2.35
C THR A 269 15.35 -5.55 -3.65
N HIS A 270 15.51 -6.72 -4.25
CA HIS A 270 14.72 -7.15 -5.39
C HIS A 270 13.51 -7.90 -4.85
N VAL A 271 12.29 -7.39 -5.11
CA VAL A 271 11.09 -8.01 -4.54
C VAL A 271 10.50 -9.03 -5.53
N TYR A 272 10.18 -8.59 -6.74
CA TYR A 272 9.66 -9.52 -7.75
C TYR A 272 9.84 -8.89 -9.13
N ASP A 273 9.81 -9.75 -10.15
CA ASP A 273 9.76 -9.31 -11.54
C ASP A 273 8.32 -9.44 -12.02
N GLY A 274 7.84 -8.45 -12.77
CA GLY A 274 6.46 -8.43 -13.20
C GLY A 274 6.32 -8.16 -14.68
N ARG A 275 5.11 -8.42 -15.18
CA ARG A 275 4.76 -8.03 -16.53
C ARG A 275 3.29 -7.65 -16.54
N LEU A 276 2.96 -6.58 -17.27
CA LEU A 276 1.59 -6.12 -17.33
C LEU A 276 1.31 -5.60 -18.74
N ASP A 277 0.02 -5.47 -19.04
CA ASP A 277 -0.43 -4.88 -20.29
C ASP A 277 -0.70 -3.40 -20.05
N LEU A 278 0.22 -2.54 -20.52
CA LEU A 278 0.13 -1.13 -20.20
C LEU A 278 -1.16 -0.49 -20.71
N ARG A 279 -1.80 -1.07 -21.72
CA ARG A 279 -3.03 -0.49 -22.25
C ARG A 279 -4.08 -0.31 -21.16
N TYR A 280 -4.18 -1.25 -20.22
CA TYR A 280 -5.18 -1.16 -19.16
C TYR A 280 -4.90 -0.07 -18.15
N PHE A 281 -3.77 0.64 -18.28
CA PHE A 281 -3.44 1.75 -17.41
C PHE A 281 -3.34 3.08 -18.14
N GLN A 282 -3.45 3.09 -19.46
CA GLN A 282 -3.31 4.33 -20.25
C GLN A 282 -4.67 4.90 -20.60
N HIS B 1 18.05 -23.37 -1.54
CA HIS B 1 18.66 -22.07 -1.82
C HIS B 1 17.63 -21.14 -2.47
N HIS B 2 16.92 -21.63 -3.47
CA HIS B 2 15.96 -20.80 -4.19
C HIS B 2 14.62 -21.51 -4.33
N MET B 3 13.56 -20.71 -4.41
CA MET B 3 12.23 -21.25 -4.54
C MET B 3 11.46 -20.23 -5.39
N LEU B 4 11.60 -20.37 -6.71
CA LEU B 4 10.92 -19.47 -7.63
C LEU B 4 9.42 -19.71 -7.59
N LEU B 5 8.64 -18.65 -7.38
CA LEU B 5 7.19 -18.75 -7.26
C LEU B 5 6.53 -17.77 -8.22
N GLU B 6 5.67 -18.29 -9.09
CA GLU B 6 4.84 -17.45 -9.96
C GLU B 6 3.55 -17.07 -9.25
N PHE B 7 3.08 -15.84 -9.51
CA PHE B 7 1.82 -15.40 -8.94
C PHE B 7 1.17 -14.37 -9.87
N THR B 8 -0.11 -14.10 -9.60
CA THR B 8 -0.88 -13.11 -10.33
C THR B 8 -1.46 -12.11 -9.36
N LYS B 9 -1.36 -10.82 -9.69
CA LYS B 9 -2.01 -9.78 -8.91
C LYS B 9 -3.35 -9.45 -9.58
N MET B 10 -4.42 -9.46 -8.78
CA MET B 10 -5.78 -9.22 -9.25
C MET B 10 -6.47 -8.32 -8.26
N HIS B 11 -7.63 -7.79 -8.66
CA HIS B 11 -8.46 -7.14 -7.67
C HIS B 11 -9.92 -7.27 -8.09
N GLY B 12 -10.80 -7.10 -7.11
CA GLY B 12 -12.21 -7.02 -7.41
C GLY B 12 -12.69 -5.70 -6.86
N LEU B 13 -12.91 -4.72 -7.75
CA LEU B 13 -13.30 -3.36 -7.36
C LEU B 13 -12.34 -2.75 -6.35
N GLY B 14 -11.05 -3.11 -6.40
CA GLY B 14 -10.06 -2.48 -5.54
C GLY B 14 -9.70 -3.28 -4.30
N ASN B 15 -10.42 -4.34 -4.01
CA ASN B 15 -10.02 -5.33 -3.01
C ASN B 15 -9.00 -6.24 -3.69
N ASP B 16 -7.71 -6.07 -3.36
CA ASP B 16 -6.64 -6.61 -4.19
C ASP B 16 -6.05 -7.89 -3.62
N PHE B 17 -5.76 -8.83 -4.50
CA PHE B 17 -5.34 -10.18 -4.16
C PHE B 17 -4.01 -10.53 -4.80
N MET B 18 -3.17 -11.24 -4.07
CA MET B 18 -2.13 -12.06 -4.65
C MET B 18 -2.70 -13.46 -4.82
N VAL B 19 -2.68 -13.99 -6.03
CA VAL B 19 -3.25 -15.30 -6.34
C VAL B 19 -2.13 -16.23 -6.77
N VAL B 20 -2.10 -17.43 -6.18
CA VAL B 20 -1.00 -18.38 -6.40
C VAL B 20 -1.57 -19.74 -6.78
N ASP B 21 -1.09 -20.28 -7.90
CA ASP B 21 -1.35 -21.65 -8.32
C ASP B 21 -0.44 -22.58 -7.55
N LEU B 22 -0.99 -23.28 -6.55
CA LEU B 22 -0.25 -24.34 -5.85
C LEU B 22 -0.73 -25.71 -6.29
N ILE B 23 -1.14 -25.84 -7.54
CA ILE B 23 -1.27 -27.14 -8.20
C ILE B 23 -0.05 -27.42 -9.07
N SER B 24 0.35 -26.44 -9.90
CA SER B 24 1.59 -26.55 -10.66
CA SER B 24 1.60 -26.60 -10.63
C SER B 24 2.83 -26.22 -9.82
N GLN B 25 2.64 -25.65 -8.63
CA GLN B 25 3.71 -25.26 -7.73
C GLN B 25 3.45 -25.83 -6.34
N ARG B 26 4.51 -25.85 -5.53
CA ARG B 26 4.47 -26.32 -4.15
C ARG B 26 5.20 -25.30 -3.29
N ALA B 27 4.55 -24.81 -2.24
CA ALA B 27 5.15 -23.81 -1.39
C ALA B 27 4.56 -23.92 0.01
N TYR B 28 5.42 -23.75 1.02
CA TYR B 28 4.98 -23.68 2.40
C TYR B 28 4.90 -22.21 2.79
N LEU B 29 3.68 -21.74 3.09
CA LEU B 29 3.46 -20.33 3.39
C LEU B 29 2.91 -20.22 4.81
N ASP B 30 3.79 -20.01 5.80
CA ASP B 30 3.32 -19.87 7.16
C ASP B 30 2.85 -18.43 7.40
N THR B 31 2.35 -18.18 8.62
CA THR B 31 1.76 -16.89 8.93
C THR B 31 2.74 -15.74 8.70
N ALA B 32 3.98 -15.89 9.20
CA ALA B 32 4.94 -14.80 9.06
C ALA B 32 5.27 -14.53 7.59
N THR B 33 5.38 -15.60 6.78
CA THR B 33 5.69 -15.42 5.36
C THR B 33 4.56 -14.68 4.64
N ILE B 34 3.32 -15.03 4.96
CA ILE B 34 2.20 -14.34 4.34
C ILE B 34 2.22 -12.86 4.70
N GLN B 35 2.55 -12.55 5.95
CA GLN B 35 2.63 -11.16 6.39
C GLN B 35 3.71 -10.40 5.63
N ARG B 36 4.88 -11.02 5.42
CA ARG B 36 5.94 -10.34 4.68
C ARG B 36 5.57 -10.14 3.23
N LEU B 37 4.87 -11.12 2.62
CA LEU B 37 4.40 -10.93 1.25
C LEU B 37 3.33 -9.84 1.16
N ALA B 38 2.47 -9.72 2.17
CA ALA B 38 1.39 -8.75 2.11
C ALA B 38 1.87 -7.33 2.27
N ASP B 39 3.02 -7.13 2.91
CA ASP B 39 3.53 -5.80 3.23
C ASP B 39 3.61 -4.95 1.97
N ARG B 40 2.95 -3.79 1.98
CA ARG B 40 2.88 -3.02 0.73
C ARG B 40 4.19 -2.37 0.36
N HIS B 41 5.09 -2.15 1.32
CA HIS B 41 6.39 -1.56 1.01
C HIS B 41 7.50 -2.59 0.82
N PHE B 42 7.53 -3.62 1.66
CA PHE B 42 8.59 -4.62 1.61
C PHE B 42 8.23 -5.84 0.78
N GLY B 43 6.96 -6.01 0.41
CA GLY B 43 6.53 -7.24 -0.22
C GLY B 43 5.74 -6.97 -1.48
N VAL B 44 4.88 -7.93 -1.83
CA VAL B 44 4.03 -7.79 -3.01
C VAL B 44 2.99 -6.70 -2.77
N GLY B 45 2.31 -6.75 -1.63
CA GLY B 45 1.27 -5.80 -1.30
C GLY B 45 -0.09 -6.32 -1.70
N PHE B 46 -0.94 -6.69 -0.73
CA PHE B 46 -2.28 -7.15 -1.05
C PHE B 46 -3.18 -7.10 0.19
N ASP B 47 -4.50 -7.09 -0.05
CA ASP B 47 -5.49 -7.27 1.01
C ASP B 47 -5.59 -8.73 1.41
N GLN B 48 -5.58 -9.63 0.44
CA GLN B 48 -5.70 -11.06 0.71
C GLN B 48 -4.82 -11.88 -0.23
N LEU B 49 -4.41 -13.03 0.26
CA LEU B 49 -3.70 -14.04 -0.52
C LEU B 49 -4.68 -15.15 -0.81
N LEU B 50 -4.77 -15.57 -2.07
CA LEU B 50 -5.62 -16.71 -2.44
C LEU B 50 -4.72 -17.78 -3.02
N ILE B 51 -4.77 -18.98 -2.45
CA ILE B 51 -3.98 -20.10 -2.99
C ILE B 51 -4.94 -21.13 -3.58
N VAL B 52 -4.63 -21.58 -4.79
CA VAL B 52 -5.38 -22.62 -5.49
C VAL B 52 -4.66 -23.93 -5.26
N GLU B 53 -5.37 -24.92 -4.73
CA GLU B 53 -4.78 -26.19 -4.32
C GLU B 53 -5.51 -27.36 -4.93
N PRO B 54 -4.88 -28.54 -4.98
CA PRO B 54 -5.58 -29.75 -5.41
C PRO B 54 -6.79 -30.00 -4.52
N PRO B 55 -7.90 -30.47 -5.08
CA PRO B 55 -9.07 -30.74 -4.24
C PRO B 55 -8.85 -31.97 -3.36
N ASP B 56 -9.43 -31.93 -2.16
CA ASP B 56 -9.43 -33.07 -1.24
C ASP B 56 -10.55 -34.06 -1.53
N VAL B 57 -11.56 -33.66 -2.30
CA VAL B 57 -12.76 -34.46 -2.48
C VAL B 57 -13.01 -34.67 -3.97
N PRO B 58 -13.60 -35.79 -4.37
CA PRO B 58 -13.72 -36.08 -5.81
C PRO B 58 -14.64 -35.14 -6.57
N GLU B 59 -15.65 -34.58 -5.91
CA GLU B 59 -16.60 -33.75 -6.64
C GLU B 59 -16.08 -32.35 -6.94
N ALA B 60 -14.93 -31.94 -6.39
CA ALA B 60 -14.41 -30.61 -6.59
C ALA B 60 -13.32 -30.59 -7.65
N ASP B 61 -13.31 -29.53 -8.46
CA ASP B 61 -12.26 -29.27 -9.43
C ASP B 61 -11.01 -28.71 -8.76
N PHE B 62 -11.20 -27.89 -7.73
CA PHE B 62 -10.11 -27.18 -7.07
C PHE B 62 -10.46 -27.03 -5.60
N LYS B 63 -9.45 -26.71 -4.81
CA LYS B 63 -9.62 -26.21 -3.46
C LYS B 63 -8.99 -24.82 -3.39
N TYR B 64 -9.52 -23.93 -2.54
CA TYR B 64 -8.73 -22.74 -2.28
C TYR B 64 -8.87 -22.31 -0.83
N ARG B 65 -7.85 -21.58 -0.41
CA ARG B 65 -7.84 -20.94 0.90
C ARG B 65 -7.40 -19.50 0.71
N ILE B 66 -7.94 -18.63 1.57
CA ILE B 66 -7.76 -17.19 1.49
C ILE B 66 -7.26 -16.71 2.84
N PHE B 67 -6.21 -15.89 2.81
CA PHE B 67 -5.59 -15.35 4.02
C PHE B 67 -5.55 -13.83 3.95
N ASN B 68 -5.75 -13.17 5.08
N ASN B 68 -5.72 -13.19 5.10
CA ASN B 68 -5.65 -11.71 5.05
CA ASN B 68 -5.61 -11.74 5.21
C ASN B 68 -4.20 -11.30 5.27
C ASN B 68 -4.16 -11.31 5.14
N ALA B 69 -3.95 -9.99 5.26
CA ALA B 69 -2.60 -9.47 5.29
C ALA B 69 -1.87 -9.80 6.59
N ASP B 70 -2.58 -10.09 7.68
N ASP B 70 -2.60 -10.09 7.67
CA ASP B 70 -1.90 -10.51 8.90
CA ASP B 70 -1.96 -10.51 8.90
C ASP B 70 -1.68 -12.02 8.95
C ASP B 70 -1.67 -12.01 8.94
N GLY B 71 -1.99 -12.74 7.87
CA GLY B 71 -1.74 -14.16 7.80
C GLY B 71 -2.87 -15.05 8.33
N SER B 72 -3.94 -14.50 8.88
CA SER B 72 -5.02 -15.35 9.36
C SER B 72 -5.89 -15.79 8.19
N GLU B 73 -6.48 -16.97 8.33
CA GLU B 73 -7.33 -17.51 7.26
C GLU B 73 -8.72 -16.93 7.44
N VAL B 74 -8.94 -15.73 6.90
CA VAL B 74 -10.15 -14.96 7.15
C VAL B 74 -10.43 -14.11 5.91
N GLU B 75 -11.71 -13.85 5.65
CA GLU B 75 -12.10 -12.89 4.63
C GLU B 75 -13.42 -12.23 5.02
N GLN B 76 -13.44 -10.90 5.00
CA GLN B 76 -14.61 -10.18 5.50
C GLN B 76 -15.73 -10.11 4.46
N CYS B 77 -15.42 -9.86 3.18
CA CYS B 77 -16.46 -9.44 2.26
C CYS B 77 -16.57 -10.28 0.98
N GLY B 78 -15.91 -11.44 0.91
CA GLY B 78 -16.27 -12.49 -0.04
C GLY B 78 -16.07 -12.23 -1.53
N ASN B 79 -15.06 -11.44 -1.91
CA ASN B 79 -14.70 -11.17 -3.30
C ASN B 79 -13.70 -12.17 -3.90
N GLY B 80 -12.95 -12.88 -3.06
CA GLY B 80 -11.93 -13.79 -3.58
C GLY B 80 -12.47 -14.85 -4.51
N VAL B 81 -13.70 -15.30 -4.29
CA VAL B 81 -14.24 -16.36 -5.14
C VAL B 81 -14.27 -15.93 -6.60
N ARG B 82 -14.57 -14.64 -6.86
CA ARG B 82 -14.60 -14.15 -8.23
C ARG B 82 -13.21 -14.17 -8.86
N CYS B 83 -12.21 -13.65 -8.13
CA CYS B 83 -10.84 -13.68 -8.65
C CYS B 83 -10.38 -15.11 -8.91
N PHE B 84 -10.73 -16.04 -8.01
CA PHE B 84 -10.39 -17.45 -8.21
C PHE B 84 -10.96 -17.97 -9.53
N ALA B 85 -12.26 -17.75 -9.77
CA ALA B 85 -12.88 -18.29 -10.98
C ALA B 85 -12.21 -17.75 -12.23
N ARG B 86 -11.93 -16.45 -12.24
CA ARG B 86 -11.20 -15.87 -13.36
C ARG B 86 -9.81 -16.47 -13.48
N PHE B 87 -9.11 -16.60 -12.36
CA PHE B 87 -7.70 -17.02 -12.39
C PHE B 87 -7.56 -18.42 -12.99
N VAL B 88 -8.36 -19.39 -12.54
CA VAL B 88 -8.18 -20.76 -13.04
C VAL B 88 -8.48 -20.83 -14.53
N HIS B 89 -9.34 -19.94 -15.03
CA HIS B 89 -9.58 -19.86 -16.47
C HIS B 89 -8.45 -19.14 -17.19
N GLU B 90 -8.00 -18.00 -16.66
CA GLU B 90 -6.88 -17.26 -17.26
C GLU B 90 -5.65 -18.16 -17.40
N ARG B 91 -5.30 -18.87 -16.33
CA ARG B 91 -4.11 -19.71 -16.29
C ARG B 91 -4.32 -21.06 -16.94
N HIS B 92 -5.48 -21.28 -17.55
CA HIS B 92 -5.83 -22.53 -18.24
C HIS B 92 -5.68 -23.75 -17.33
N LEU B 93 -5.99 -23.58 -16.06
CA LEU B 93 -6.07 -24.74 -15.17
C LEU B 93 -7.33 -25.55 -15.41
N THR B 94 -8.32 -24.97 -16.09
CA THR B 94 -9.55 -25.64 -16.45
C THR B 94 -10.15 -24.88 -17.63
N ASN B 95 -11.01 -25.58 -18.37
CA ASN B 95 -11.78 -24.95 -19.42
CA ASN B 95 -11.80 -25.01 -19.45
C ASN B 95 -13.24 -24.73 -19.05
N LYS B 96 -13.68 -25.23 -17.90
CA LYS B 96 -15.07 -25.03 -17.49
C LYS B 96 -15.29 -23.59 -17.03
N THR B 97 -16.53 -23.13 -17.21
CA THR B 97 -16.95 -21.83 -16.67
C THR B 97 -17.82 -21.98 -15.44
N ASN B 98 -18.39 -23.15 -15.20
CA ASN B 98 -19.08 -23.49 -13.97
C ASN B 98 -18.19 -24.47 -13.21
N ILE B 99 -17.38 -23.92 -12.33
CA ILE B 99 -16.34 -24.66 -11.61
C ILE B 99 -16.91 -25.05 -10.25
N THR B 100 -16.52 -26.22 -9.74
CA THR B 100 -16.86 -26.63 -8.38
C THR B 100 -15.60 -26.52 -7.53
N VAL B 101 -15.66 -25.71 -6.48
CA VAL B 101 -14.46 -25.44 -5.69
C VAL B 101 -14.74 -25.72 -4.22
N GLN B 102 -13.80 -26.39 -3.57
CA GLN B 102 -13.86 -26.68 -2.14
C GLN B 102 -13.25 -25.52 -1.37
N THR B 103 -14.01 -24.92 -0.45
CA THR B 103 -13.57 -23.76 0.32
C THR B 103 -13.75 -24.06 1.81
N LYS B 104 -13.28 -23.11 2.64
CA LYS B 104 -13.47 -23.20 4.08
C LYS B 104 -14.93 -23.24 4.48
N ALA B 105 -15.83 -22.71 3.65
CA ALA B 105 -17.26 -22.76 3.94
C ALA B 105 -17.98 -23.85 3.16
N GLY B 106 -17.27 -24.78 2.54
CA GLY B 106 -17.90 -25.85 1.80
C GLY B 106 -17.75 -25.67 0.30
N ILE B 107 -18.64 -26.32 -0.44
CA ILE B 107 -18.63 -26.28 -1.91
C ILE B 107 -19.19 -24.96 -2.38
N VAL B 108 -18.55 -24.35 -3.37
CA VAL B 108 -19.06 -23.16 -4.06
C VAL B 108 -18.97 -23.42 -5.55
N LYS B 109 -19.95 -22.94 -6.32
CA LYS B 109 -20.00 -23.15 -7.76
C LYS B 109 -20.09 -21.81 -8.47
N PRO B 110 -19.01 -21.05 -8.52
CA PRO B 110 -19.05 -19.75 -9.19
C PRO B 110 -19.24 -19.89 -10.69
N GLU B 111 -19.91 -18.91 -11.29
CA GLU B 111 -20.23 -18.92 -12.71
C GLU B 111 -19.49 -17.77 -13.37
N LEU B 112 -18.48 -18.10 -14.17
CA LEU B 112 -17.66 -17.08 -14.84
C LEU B 112 -18.35 -16.66 -16.13
N GLY B 113 -18.60 -15.36 -16.27
CA GLY B 113 -19.28 -14.81 -17.42
C GLY B 113 -18.34 -14.11 -18.37
N GLN B 114 -18.92 -13.27 -19.21
CA GLN B 114 -18.12 -12.50 -20.16
C GLN B 114 -17.42 -11.35 -19.44
N ASN B 115 -16.24 -11.01 -19.95
CA ASN B 115 -15.49 -9.82 -19.53
C ASN B 115 -15.08 -9.88 -18.07
N GLY B 116 -14.89 -11.09 -17.54
CA GLY B 116 -14.37 -11.26 -16.20
C GLY B 116 -15.39 -11.19 -15.08
N TRP B 117 -16.67 -11.01 -15.38
CA TRP B 117 -17.68 -10.97 -14.34
C TRP B 117 -18.01 -12.38 -13.87
N VAL B 118 -18.30 -12.52 -12.57
CA VAL B 118 -18.56 -13.81 -11.95
C VAL B 118 -19.79 -13.68 -11.07
N ARG B 119 -20.71 -14.63 -11.21
CA ARG B 119 -21.92 -14.70 -10.42
C ARG B 119 -21.72 -15.72 -9.31
N VAL B 120 -22.04 -15.34 -8.07
CA VAL B 120 -21.67 -16.13 -6.89
C VAL B 120 -22.86 -16.24 -5.95
N ASN B 121 -23.12 -17.46 -5.49
CA ASN B 121 -24.13 -17.75 -4.49
C ASN B 121 -23.55 -17.38 -3.13
N MET B 122 -24.12 -16.35 -2.50
CA MET B 122 -23.62 -15.86 -1.23
C MET B 122 -24.38 -16.40 -0.02
N GLY B 123 -25.25 -17.40 -0.24
CA GLY B 123 -25.98 -18.02 0.84
C GLY B 123 -27.20 -17.22 1.28
N TYR B 124 -27.83 -17.72 2.33
CA TYR B 124 -29.06 -17.15 2.86
C TYR B 124 -28.73 -16.00 3.83
N PRO B 125 -29.46 -14.89 3.75
CA PRO B 125 -29.32 -13.85 4.77
C PRO B 125 -30.09 -14.25 6.01
N LYS B 126 -29.59 -13.83 7.17
CA LYS B 126 -30.27 -14.03 8.46
C LYS B 126 -30.48 -12.69 9.13
N PHE B 127 -31.58 -12.56 9.88
CA PHE B 127 -32.02 -11.26 10.36
C PHE B 127 -32.27 -11.17 11.86
N LEU B 128 -32.51 -12.28 12.54
CA LEU B 128 -32.85 -12.19 13.96
C LEU B 128 -31.66 -11.68 14.76
N PRO B 129 -31.91 -10.87 15.79
CA PRO B 129 -30.78 -10.30 16.55
C PRO B 129 -29.76 -11.33 17.01
N ASN B 130 -30.19 -12.46 17.59
CA ASN B 130 -29.24 -13.48 18.04
C ASN B 130 -28.52 -14.15 16.90
N GLU B 131 -28.92 -13.90 15.64
CA GLU B 131 -28.24 -14.46 14.49
C GLU B 131 -27.18 -13.53 13.92
N ILE B 132 -27.08 -12.30 14.40
CA ILE B 132 -26.20 -11.31 13.80
C ILE B 132 -24.74 -11.51 14.25
N PRO B 133 -24.39 -11.45 15.56
CA PRO B 133 -25.16 -11.25 16.79
C PRO B 133 -25.38 -9.77 17.11
N PHE B 134 -26.53 -9.50 17.71
CA PHE B 134 -26.99 -8.15 17.97
C PHE B 134 -27.83 -8.19 19.24
N VAL B 135 -27.54 -7.29 20.17
CA VAL B 135 -28.25 -7.29 21.46
C VAL B 135 -29.55 -6.53 21.28
N ALA B 136 -30.66 -7.26 21.27
CA ALA B 136 -31.99 -6.66 21.13
C ALA B 136 -33.00 -7.69 21.60
N GLU B 137 -33.93 -7.26 22.45
CA GLU B 137 -34.84 -8.20 23.10
C GLU B 137 -35.82 -8.81 22.11
N GLU B 138 -36.36 -7.99 21.21
CA GLU B 138 -37.37 -8.46 20.26
C GLU B 138 -36.97 -8.08 18.85
N PRO B 139 -37.20 -8.96 17.87
CA PRO B 139 -36.91 -8.60 16.48
C PRO B 139 -37.84 -7.49 16.04
N GLU B 140 -37.29 -6.53 15.30
CA GLU B 140 -38.03 -5.45 14.70
C GLU B 140 -37.61 -5.29 13.24
N ALA B 141 -38.41 -4.54 12.49
CA ALA B 141 -38.04 -4.24 11.11
C ALA B 141 -36.85 -3.29 11.04
N LEU B 142 -36.80 -2.32 11.94
CA LEU B 142 -35.68 -1.40 12.05
C LEU B 142 -35.43 -1.13 13.53
N TYR B 143 -34.19 -0.78 13.86
CA TYR B 143 -33.79 -0.52 15.24
C TYR B 143 -33.21 0.88 15.38
N THR B 144 -33.52 1.54 16.49
CA THR B 144 -32.89 2.81 16.81
C THR B 144 -31.63 2.54 17.62
N LEU B 145 -30.50 3.01 17.11
CA LEU B 145 -29.20 2.77 17.73
C LEU B 145 -28.71 4.09 18.31
N GLU B 146 -28.54 4.12 19.62
CA GLU B 146 -28.15 5.36 20.29
C GLU B 146 -26.65 5.57 20.15
N LEU B 147 -26.26 6.79 19.81
CA LEU B 147 -24.87 7.18 19.60
C LEU B 147 -24.49 8.26 20.60
N ALA B 148 -23.27 8.76 20.46
CA ALA B 148 -22.75 9.79 21.35
C ALA B 148 -23.49 11.11 21.15
N ASN B 149 -23.45 11.95 22.18
CA ASN B 149 -24.01 13.30 22.14
C ASN B 149 -25.49 13.28 21.79
N ASP B 150 -26.23 12.34 22.37
CA ASP B 150 -27.68 12.25 22.23
C ASP B 150 -28.12 12.10 20.78
N GLN B 151 -27.27 11.50 19.95
CA GLN B 151 -27.61 11.23 18.56
C GLN B 151 -28.02 9.78 18.39
N ASN B 152 -28.85 9.51 17.39
CA ASN B 152 -29.27 8.16 17.07
C ASN B 152 -29.37 8.00 15.56
N ILE B 153 -29.37 6.74 15.13
CA ILE B 153 -29.61 6.39 13.73
C ILE B 153 -30.53 5.18 13.67
N SER B 154 -31.16 5.00 12.52
CA SER B 154 -32.04 3.86 12.27
C SER B 154 -31.27 2.82 11.46
N ILE B 155 -31.27 1.58 11.94
CA ILE B 155 -30.49 0.54 11.28
C ILE B 155 -31.33 -0.72 11.08
N ASP B 156 -31.00 -1.43 10.01
CA ASP B 156 -31.42 -2.81 9.76
C ASP B 156 -30.20 -3.69 9.99
N VAL B 157 -30.39 -4.96 10.35
CA VAL B 157 -29.25 -5.86 10.57
C VAL B 157 -29.39 -7.08 9.67
N VAL B 158 -28.26 -7.52 9.14
CA VAL B 158 -28.20 -8.70 8.26
C VAL B 158 -26.94 -9.47 8.60
N ASN B 159 -27.03 -10.78 8.68
CA ASN B 159 -25.86 -11.65 8.75
C ASN B 159 -25.71 -12.35 7.40
N MET B 160 -24.59 -12.11 6.73
CA MET B 160 -24.23 -12.81 5.51
C MET B 160 -23.07 -13.77 5.78
N GLY B 161 -23.09 -14.43 6.93
CA GLY B 161 -21.94 -15.13 7.47
C GLY B 161 -21.13 -14.29 8.41
N ASN B 162 -21.15 -12.98 8.23
CA ASN B 162 -20.57 -11.99 9.13
C ASN B 162 -21.64 -10.95 9.41
N PRO B 163 -21.46 -10.13 10.45
CA PRO B 163 -22.55 -9.20 10.83
C PRO B 163 -22.50 -7.87 10.09
N HIS B 164 -23.70 -7.37 9.78
CA HIS B 164 -23.84 -6.10 9.08
C HIS B 164 -24.94 -5.27 9.70
N ALA B 165 -24.72 -3.96 9.77
CA ALA B 165 -25.76 -3.00 10.10
C ALA B 165 -25.84 -1.98 8.98
N VAL B 166 -27.05 -1.72 8.48
CA VAL B 166 -27.23 -0.89 7.29
C VAL B 166 -28.09 0.31 7.67
N THR B 167 -27.60 1.51 7.39
CA THR B 167 -28.36 2.72 7.62
C THR B 167 -28.48 3.48 6.31
N ILE B 168 -29.62 4.12 6.10
CA ILE B 168 -29.89 4.84 4.86
C ILE B 168 -29.58 6.31 5.08
N VAL B 169 -28.83 6.90 4.15
CA VAL B 169 -28.43 8.31 4.25
C VAL B 169 -28.90 9.05 3.01
N PRO B 170 -29.15 10.36 3.10
CA PRO B 170 -29.59 11.10 1.90
C PRO B 170 -28.49 11.25 0.86
N ASP B 171 -27.23 11.33 1.29
CA ASP B 171 -26.13 11.62 0.38
C ASP B 171 -24.89 10.89 0.88
N VAL B 172 -24.45 9.89 0.12
CA VAL B 172 -23.32 9.06 0.54
C VAL B 172 -22.04 9.90 0.63
N LEU B 173 -21.94 10.97 -0.17
CA LEU B 173 -20.72 11.77 -0.16
C LEU B 173 -20.55 12.59 1.11
N THR B 174 -21.66 13.01 1.73
CA THR B 174 -21.62 13.84 2.92
C THR B 174 -22.01 13.08 4.19
N ALA B 175 -22.33 11.79 4.08
CA ALA B 175 -22.57 10.98 5.26
C ALA B 175 -21.35 10.99 6.17
N ASP B 176 -21.58 11.07 7.48
CA ASP B 176 -20.51 11.12 8.46
C ASP B 176 -20.01 9.71 8.79
N VAL B 177 -19.41 9.09 7.77
CA VAL B 177 -18.87 7.74 7.95
C VAL B 177 -17.74 7.74 8.97
N ALA B 178 -16.90 8.77 8.93
CA ALA B 178 -15.74 8.80 9.81
C ALA B 178 -16.14 8.94 11.28
N GLY B 179 -17.20 9.68 11.57
CA GLY B 179 -17.64 9.87 12.93
C GLY B 179 -18.63 8.84 13.45
N ILE B 180 -19.51 8.34 12.57
CA ILE B 180 -20.53 7.38 12.97
C ILE B 180 -20.03 5.94 12.82
N GLY B 181 -19.26 5.68 11.76
CA GLY B 181 -18.71 4.38 11.49
C GLY B 181 -18.10 3.69 12.71
N PRO B 182 -17.14 4.34 13.37
CA PRO B 182 -16.53 3.72 14.56
C PRO B 182 -17.55 3.44 15.66
N GLN B 183 -18.53 4.33 15.85
CA GLN B 183 -19.49 4.14 16.94
C GLN B 183 -20.41 2.96 16.68
N VAL B 184 -20.71 2.68 15.41
CA VAL B 184 -21.51 1.51 15.06
C VAL B 184 -20.65 0.25 15.10
N GLU B 185 -19.48 0.30 14.44
CA GLU B 185 -18.63 -0.89 14.33
C GLU B 185 -18.28 -1.46 15.70
N SER B 186 -18.11 -0.61 16.72
CA SER B 186 -17.76 -1.07 18.05
C SER B 186 -18.86 -0.81 19.07
N HIS B 187 -20.10 -0.67 18.60
CA HIS B 187 -21.21 -0.40 19.50
C HIS B 187 -21.39 -1.54 20.50
N LYS B 188 -21.80 -1.19 21.71
CA LYS B 188 -21.98 -2.18 22.76
C LYS B 188 -23.05 -3.22 22.39
N ARG B 189 -23.95 -2.90 21.47
CA ARG B 189 -24.99 -3.88 21.11
C ARG B 189 -24.53 -4.88 20.06
N PHE B 190 -23.30 -4.78 19.56
CA PHE B 190 -22.74 -5.73 18.62
C PHE B 190 -21.54 -6.41 19.29
N PRO B 191 -21.77 -7.47 20.07
CA PRO B 191 -20.66 -8.03 20.88
C PRO B 191 -19.51 -8.60 20.07
N GLU B 192 -19.71 -8.93 18.80
CA GLU B 192 -18.60 -9.34 17.95
C GLU B 192 -18.23 -8.27 16.93
N ARG B 193 -18.63 -7.02 17.18
CA ARG B 193 -18.45 -5.88 16.28
C ARG B 193 -19.28 -6.08 15.02
N VAL B 194 -19.27 -5.11 14.11
CA VAL B 194 -20.20 -5.16 12.97
C VAL B 194 -19.64 -4.29 11.85
N ASN B 195 -19.91 -4.71 10.61
CA ASN B 195 -19.65 -3.91 9.42
C ASN B 195 -20.79 -2.91 9.23
N ALA B 196 -20.46 -1.63 9.18
CA ALA B 196 -21.44 -0.55 9.20
C ALA B 196 -21.58 0.02 7.80
N GLY B 197 -22.75 -0.18 7.19
CA GLY B 197 -23.01 0.27 5.83
C GLY B 197 -23.88 1.53 5.82
N PHE B 198 -23.52 2.45 4.94
CA PHE B 198 -24.20 3.74 4.78
C PHE B 198 -24.70 3.79 3.35
N MET B 199 -26.01 3.66 3.15
CA MET B 199 -26.59 3.47 1.83
C MET B 199 -27.40 4.68 1.39
N GLN B 200 -27.10 5.19 0.19
CA GLN B 200 -27.94 6.18 -0.46
C GLN B 200 -28.75 5.49 -1.54
N VAL B 201 -30.07 5.62 -1.50
CA VAL B 201 -30.94 5.02 -2.49
C VAL B 201 -31.12 6.02 -3.63
N ILE B 202 -30.70 5.64 -4.84
CA ILE B 202 -30.88 6.51 -6.01
C ILE B 202 -32.26 6.28 -6.62
N ASP B 203 -32.58 5.03 -6.93
CA ASP B 203 -33.92 4.58 -7.30
C ASP B 203 -34.05 3.11 -6.89
N ASP B 204 -35.16 2.46 -7.28
CA ASP B 204 -35.31 1.11 -6.75
C ASP B 204 -34.35 0.10 -7.37
N LYS B 205 -33.54 0.49 -8.35
CA LYS B 205 -32.58 -0.44 -8.94
C LYS B 205 -31.13 -0.02 -8.77
N HIS B 206 -30.86 1.09 -8.06
CA HIS B 206 -29.51 1.61 -7.95
C HIS B 206 -29.31 2.23 -6.58
N VAL B 207 -28.25 1.80 -5.87
CA VAL B 207 -27.89 2.43 -4.61
C VAL B 207 -26.39 2.68 -4.62
N ARG B 208 -25.98 3.61 -3.76
CA ARG B 208 -24.57 3.86 -3.47
C ARG B 208 -24.29 3.49 -2.02
N LEU B 209 -23.10 2.94 -1.75
CA LEU B 209 -22.83 2.36 -0.44
C LEU B 209 -21.38 2.60 -0.03
N ARG B 210 -21.21 3.13 1.18
CA ARG B 210 -19.92 3.16 1.86
C ARG B 210 -20.01 2.22 3.06
N VAL B 211 -18.93 1.49 3.32
CA VAL B 211 -18.91 0.49 4.39
C VAL B 211 -17.69 0.74 5.27
N PHE B 212 -17.93 0.86 6.57
CA PHE B 212 -16.89 0.91 7.59
C PHE B 212 -16.75 -0.52 8.11
N GLU B 213 -15.69 -1.20 7.67
CA GLU B 213 -15.56 -2.62 7.94
C GLU B 213 -15.04 -2.89 9.34
N ARG B 214 -15.53 -3.99 9.91
CA ARG B 214 -15.12 -4.46 11.22
C ARG B 214 -13.60 -4.53 11.35
N GLY B 215 -13.05 -3.83 12.34
CA GLY B 215 -11.63 -3.86 12.62
C GLY B 215 -10.75 -3.20 11.58
N VAL B 216 -11.32 -2.54 10.59
CA VAL B 216 -10.56 -2.05 9.45
C VAL B 216 -10.84 -0.56 9.21
N GLY B 217 -12.10 -0.16 9.32
CA GLY B 217 -12.50 1.17 8.87
C GLY B 217 -13.03 1.12 7.45
N GLU B 218 -13.12 2.29 6.82
CA GLU B 218 -13.78 2.34 5.51
C GLU B 218 -12.92 1.67 4.44
N THR B 219 -13.57 0.89 3.58
CA THR B 219 -12.89 0.09 2.55
C THR B 219 -13.52 0.36 1.19
N LEU B 220 -12.83 -0.12 0.15
CA LEU B 220 -13.26 0.12 -1.23
C LEU B 220 -14.42 -0.77 -1.65
N ALA B 221 -14.43 -2.04 -1.22
CA ALA B 221 -15.33 -2.95 -1.92
C ALA B 221 -15.72 -4.12 -1.01
N CYS B 222 -16.54 -3.82 -0.01
CA CYS B 222 -17.05 -4.86 0.88
C CYS B 222 -18.21 -5.57 0.20
N GLY B 223 -17.94 -6.73 -0.39
CA GLY B 223 -18.97 -7.45 -1.12
C GLY B 223 -20.13 -7.90 -0.25
N THR B 224 -19.83 -8.51 0.90
CA THR B 224 -20.93 -8.92 1.78
C THR B 224 -21.71 -7.73 2.30
N GLY B 225 -21.04 -6.58 2.47
CA GLY B 225 -21.74 -5.36 2.83
C GLY B 225 -22.71 -4.91 1.76
N ALA B 226 -22.30 -5.03 0.48
CA ALA B 226 -23.22 -4.75 -0.62
C ALA B 226 -24.42 -5.70 -0.58
N CYS B 227 -24.19 -6.98 -0.32
CA CYS B 227 -25.29 -7.94 -0.17
C CYS B 227 -26.25 -7.49 0.92
N ALA B 228 -25.71 -7.20 2.11
CA ALA B 228 -26.56 -6.82 3.24
C ALA B 228 -27.36 -5.55 2.95
N ALA B 229 -26.70 -4.55 2.37
CA ALA B 229 -27.39 -3.29 2.08
C ALA B 229 -28.52 -3.50 1.08
N ALA B 230 -28.26 -4.24 -0.01
CA ALA B 230 -29.32 -4.46 -0.99
C ALA B 230 -30.45 -5.29 -0.42
N VAL B 231 -30.11 -6.34 0.34
CA VAL B 231 -31.14 -7.18 0.96
C VAL B 231 -31.99 -6.34 1.91
N SER B 232 -31.35 -5.46 2.69
CA SER B 232 -32.11 -4.61 3.61
C SER B 232 -33.04 -3.68 2.85
N GLY B 233 -32.55 -3.08 1.74
CA GLY B 233 -33.41 -2.21 0.96
C GLY B 233 -34.59 -2.96 0.34
N MET B 234 -34.36 -4.22 -0.04
CA MET B 234 -35.46 -5.03 -0.55
C MET B 234 -36.47 -5.34 0.56
N ARG B 235 -35.99 -5.80 1.72
CA ARG B 235 -36.87 -6.08 2.85
C ARG B 235 -37.68 -4.87 3.25
N ARG B 236 -37.09 -3.68 3.18
CA ARG B 236 -37.80 -2.46 3.51
C ARG B 236 -38.80 -2.02 2.44
N GLY B 237 -38.94 -2.77 1.34
CA GLY B 237 -39.88 -2.44 0.30
C GLY B 237 -39.43 -1.35 -0.64
N LEU B 238 -38.16 -0.95 -0.58
CA LEU B 238 -37.65 0.15 -1.39
C LEU B 238 -37.06 -0.31 -2.72
N LEU B 239 -36.41 -1.48 -2.75
CA LEU B 239 -35.59 -1.89 -3.88
C LEU B 239 -36.20 -3.08 -4.61
N ALA B 240 -35.97 -3.12 -5.92
CA ALA B 240 -36.29 -4.28 -6.74
C ALA B 240 -35.42 -5.48 -6.33
N ASN B 241 -35.77 -6.66 -6.86
CA ASN B 241 -35.04 -7.88 -6.48
C ASN B 241 -33.72 -8.04 -7.22
N SER B 242 -33.34 -7.07 -8.06
CA SER B 242 -31.99 -6.98 -8.63
C SER B 242 -31.56 -5.52 -8.55
N VAL B 243 -30.41 -5.28 -7.92
CA VAL B 243 -29.98 -3.92 -7.57
C VAL B 243 -28.51 -3.75 -7.94
N GLU B 244 -28.19 -2.63 -8.57
CA GLU B 244 -26.79 -2.24 -8.74
C GLU B 244 -26.33 -1.48 -7.50
N VAL B 245 -25.31 -2.01 -6.83
CA VAL B 245 -24.70 -1.34 -5.68
C VAL B 245 -23.40 -0.69 -6.14
N GLU B 246 -23.31 0.64 -6.02
CA GLU B 246 -22.06 1.33 -6.32
C GLU B 246 -21.27 1.47 -5.02
N LEU B 247 -20.22 0.66 -4.87
CA LEU B 247 -19.26 0.78 -3.78
C LEU B 247 -18.23 1.85 -4.13
N ALA B 248 -17.38 2.17 -3.15
CA ALA B 248 -16.34 3.16 -3.40
C ALA B 248 -15.41 2.72 -4.53
N GLY B 249 -15.19 1.41 -4.66
CA GLY B 249 -14.33 0.87 -5.70
C GLY B 249 -15.00 0.61 -7.04
N GLY B 250 -16.35 0.70 -7.12
CA GLY B 250 -17.05 0.49 -8.36
C GLY B 250 -18.35 -0.29 -8.14
N LYS B 251 -18.93 -0.77 -9.23
CA LYS B 251 -20.29 -1.27 -9.24
C LYS B 251 -20.36 -2.78 -9.36
N LEU B 252 -21.31 -3.40 -8.65
CA LEU B 252 -21.67 -4.80 -8.86
C LEU B 252 -23.18 -4.95 -8.64
N GLN B 253 -23.67 -6.18 -8.87
CA GLN B 253 -25.10 -6.45 -8.84
C GLN B 253 -25.45 -7.43 -7.72
N ILE B 254 -26.55 -7.16 -7.03
CA ILE B 254 -27.06 -8.05 -5.98
C ILE B 254 -28.47 -8.47 -6.38
N GLU B 255 -28.74 -9.78 -6.32
CA GLU B 255 -30.07 -10.30 -6.60
C GLU B 255 -30.55 -11.11 -5.40
N TRP B 256 -31.82 -10.92 -5.02
CA TRP B 256 -32.34 -11.68 -3.88
C TRP B 256 -33.85 -11.67 -3.91
N GLN B 257 -34.43 -12.80 -3.52
CA GLN B 257 -35.87 -12.95 -3.28
C GLN B 257 -36.03 -13.67 -1.96
N GLU B 258 -37.03 -13.23 -1.18
CA GLU B 258 -37.22 -13.79 0.16
C GLU B 258 -37.32 -15.31 0.10
N GLY B 259 -36.61 -15.97 1.01
CA GLY B 259 -36.60 -17.42 1.06
C GLY B 259 -35.56 -18.09 0.19
N ASP B 260 -34.82 -17.31 -0.60
CA ASP B 260 -33.79 -17.82 -1.50
C ASP B 260 -32.44 -17.23 -1.11
N VAL B 261 -31.38 -17.72 -1.75
CA VAL B 261 -30.04 -17.23 -1.46
C VAL B 261 -29.84 -15.87 -2.15
N VAL B 262 -28.80 -15.17 -1.71
CA VAL B 262 -28.36 -13.94 -2.35
C VAL B 262 -27.35 -14.30 -3.43
N TRP B 263 -27.52 -13.71 -4.61
CA TRP B 263 -26.56 -13.85 -5.69
C TRP B 263 -25.87 -12.53 -5.91
N MET B 264 -24.54 -12.57 -5.99
CA MET B 264 -23.74 -11.39 -6.25
C MET B 264 -22.99 -11.59 -7.55
N THR B 265 -23.10 -10.61 -8.45
CA THR B 265 -22.38 -10.65 -9.73
C THR B 265 -21.46 -9.45 -9.79
N GLY B 266 -20.16 -9.69 -9.86
CA GLY B 266 -19.19 -8.62 -9.79
C GLY B 266 -18.03 -8.84 -10.73
N PRO B 267 -17.30 -7.76 -11.02
CA PRO B 267 -16.19 -7.84 -11.96
C PRO B 267 -14.92 -8.34 -11.27
N THR B 268 -13.94 -8.67 -12.11
CA THR B 268 -12.59 -8.99 -11.65
C THR B 268 -11.61 -8.28 -12.57
N THR B 269 -10.39 -8.08 -12.07
CA THR B 269 -9.38 -7.37 -12.84
C THR B 269 -8.04 -8.07 -12.71
N HIS B 270 -7.38 -8.30 -13.84
CA HIS B 270 -6.01 -8.80 -13.85
C HIS B 270 -5.08 -7.58 -13.85
N VAL B 271 -4.19 -7.49 -12.85
CA VAL B 271 -3.33 -6.32 -12.76
C VAL B 271 -1.96 -6.61 -13.39
N TYR B 272 -1.30 -7.66 -12.91
CA TYR B 272 -0.01 -8.04 -13.48
C TYR B 272 0.29 -9.49 -13.08
N ASP B 273 1.26 -10.07 -13.78
CA ASP B 273 1.80 -11.39 -13.43
C ASP B 273 3.21 -11.19 -12.86
N GLY B 274 3.56 -11.98 -11.85
CA GLY B 274 4.82 -11.78 -11.15
C GLY B 274 5.52 -13.09 -10.86
N ARG B 275 6.81 -12.96 -10.53
CA ARG B 275 7.60 -14.09 -10.09
C ARG B 275 8.57 -13.60 -9.04
N LEU B 276 8.67 -14.33 -7.93
CA LEU B 276 9.54 -13.92 -6.84
C LEU B 276 10.26 -15.13 -6.32
N ASP B 277 11.31 -14.90 -5.54
CA ASP B 277 12.02 -15.98 -4.86
C ASP B 277 11.46 -16.06 -3.43
N LEU B 278 10.70 -17.11 -3.16
CA LEU B 278 10.01 -17.19 -1.89
C LEU B 278 10.96 -17.33 -0.71
N ARG B 279 12.17 -17.86 -0.94
CA ARG B 279 13.11 -18.05 0.15
C ARG B 279 13.47 -16.72 0.80
N TYR B 280 13.38 -15.61 0.06
CA TYR B 280 13.63 -14.30 0.64
C TYR B 280 12.57 -13.92 1.66
N PHE B 281 11.37 -14.47 1.56
CA PHE B 281 10.25 -14.12 2.43
C PHE B 281 9.99 -15.13 3.55
N GLN B 282 10.75 -16.22 3.60
CA GLN B 282 10.44 -17.26 4.59
C GLN B 282 11.36 -17.19 5.81
C1 MRD C . 22.75 10.92 -6.37
C2 MRD C . 21.91 12.18 -6.22
O2 MRD C . 20.98 11.96 -5.13
CM MRD C . 21.11 12.40 -7.51
C3 MRD C . 22.81 13.38 -5.90
C4 MRD C . 22.71 14.50 -6.93
O4 MRD C . 23.96 14.71 -7.56
C5 MRD C . 22.26 15.80 -6.25
C1 MRD D . 5.20 5.31 10.62
C2 MRD D . 5.66 4.28 9.60
O2 MRD D . 4.65 4.16 8.56
CM MRD D . 6.96 4.74 8.96
C3 MRD D . 5.89 2.92 10.24
C4 MRD D . 6.51 3.05 11.62
O4 MRD D . 7.79 2.46 11.61
C5 MRD D . 5.64 2.41 12.71
CL CL E . 10.24 30.23 16.22
CL CL F . -28.63 1.55 21.65
#